data_9BAR
#
_entry.id   9BAR
#
_cell.length_a   32.199
_cell.length_b   37.725
_cell.length_c   38.809
_cell.angle_alpha   90.000
_cell.angle_beta   95.369
_cell.angle_gamma   90.000
#
_symmetry.space_group_name_H-M   'P 1 21 1'
#
loop_
_entity.id
_entity.type
_entity.pdbx_description
1 polymer 'Parvalbumin alpha'
2 non-polymer 'CALCIUM ION'
3 non-polymer 'SULFATE ION'
4 water water
#
_entity_poly.entity_id   1
_entity_poly.type   'polypeptide(L)'
_entity_poly.pdbx_seq_one_letter_code
;MGHHHHHHENLYFQGSSKITSILNPADITKALEQCAAGFHHTAFFKASGLSKKSDAELAEIFNVLDGDQSGYIEVEELKN
FLKCFSDGARVLNDKETSNFLAAGDSDGDHKIGVDEFKSMAKMT
;
_entity_poly.pdbx_strand_id   A
#
loop_
_chem_comp.id
_chem_comp.type
_chem_comp.name
_chem_comp.formula
CA non-polymer 'CALCIUM ION' 'Ca 2'
SO4 non-polymer 'SULFATE ION' 'O4 S -2'
#
# COMPACT_ATOMS: atom_id res chain seq x y z
N SER A 17 7.26 -14.15 -0.88
CA SER A 17 8.13 -13.03 -1.35
C SER A 17 8.55 -12.18 -0.15
N LYS A 18 9.16 -11.02 -0.42
CA LYS A 18 9.51 -10.08 0.64
C LYS A 18 8.26 -9.67 1.43
N ILE A 19 7.10 -9.58 0.75
CA ILE A 19 5.85 -9.23 1.41
C ILE A 19 5.57 -10.22 2.54
N THR A 20 5.57 -11.52 2.23
CA THR A 20 5.22 -12.53 3.21
C THR A 20 6.38 -12.83 4.16
N SER A 21 7.57 -12.33 3.84
CA SER A 21 8.71 -12.39 4.75
CA SER A 21 8.68 -12.41 4.77
C SER A 21 8.65 -11.20 5.71
N ILE A 22 8.33 -10.02 5.18
CA ILE A 22 8.34 -8.81 6.00
C ILE A 22 7.05 -8.74 6.83
N LEU A 23 5.94 -9.16 6.23
CA LEU A 23 4.64 -9.07 6.89
C LEU A 23 4.15 -10.47 7.23
N ASN A 24 3.30 -10.54 8.26
CA ASN A 24 2.70 -11.81 8.66
C ASN A 24 1.46 -12.06 7.80
N PRO A 25 1.34 -13.24 7.16
CA PRO A 25 0.14 -13.57 6.39
C PRO A 25 -1.16 -13.39 7.14
N ALA A 26 -1.17 -13.68 8.45
CA ALA A 26 -2.37 -13.54 9.26
C ALA A 26 -2.77 -12.06 9.37
N ASP A 27 -1.78 -11.17 9.44
CA ASP A 27 -2.01 -9.73 9.44
C ASP A 27 -2.53 -9.26 8.08
N ILE A 28 -1.96 -9.80 7.00
CA ILE A 28 -2.46 -9.52 5.67
C ILE A 28 -3.93 -9.92 5.60
N THR A 29 -4.29 -11.12 6.10
CA THR A 29 -5.67 -11.57 6.06
C THR A 29 -6.59 -10.61 6.81
N LYS A 30 -6.17 -10.17 8.01
CA LYS A 30 -6.95 -9.21 8.75
C LYS A 30 -7.21 -7.96 7.91
N ALA A 31 -6.15 -7.41 7.31
CA ALA A 31 -6.23 -6.16 6.56
C ALA A 31 -7.15 -6.29 5.35
N LEU A 32 -7.12 -7.47 4.68
CA LEU A 32 -7.98 -7.73 3.53
C LEU A 32 -9.44 -7.84 3.95
N GLU A 33 -9.70 -8.52 5.08
CA GLU A 33 -11.07 -8.66 5.57
C GLU A 33 -11.64 -7.28 5.91
N GLN A 34 -10.81 -6.43 6.53
CA GLN A 34 -11.20 -5.08 6.89
C GLN A 34 -11.65 -4.28 5.67
N CYS A 35 -11.23 -4.70 4.47
CA CYS A 35 -11.55 -3.99 3.23
C CYS A 35 -12.95 -4.31 2.69
N ALA A 36 -13.62 -5.34 3.24
CA ALA A 36 -14.88 -5.80 2.70
C ALA A 36 -15.92 -4.68 2.66
N ALA A 37 -15.97 -3.83 3.70
CA ALA A 37 -16.94 -2.75 3.74
C ALA A 37 -16.31 -1.42 3.33
N GLY A 38 -15.08 -1.46 2.81
CA GLY A 38 -14.41 -0.27 2.31
C GLY A 38 -12.96 -0.22 2.76
N PHE A 39 -12.10 0.24 1.84
CA PHE A 39 -10.68 0.42 2.11
C PHE A 39 -10.43 1.80 2.74
N HIS A 40 -9.71 1.79 3.87
CA HIS A 40 -9.17 3.00 4.49
C HIS A 40 -7.69 2.77 4.77
N HIS A 41 -6.81 3.65 4.28
CA HIS A 41 -5.40 3.33 4.27
C HIS A 41 -4.87 3.21 5.71
N THR A 42 -5.31 4.05 6.63
CA THR A 42 -4.74 3.98 7.98
C THR A 42 -5.10 2.64 8.62
N ALA A 43 -6.34 2.18 8.43
CA ALA A 43 -6.74 0.89 8.97
C ALA A 43 -5.93 -0.23 8.32
N PHE A 44 -5.70 -0.12 7.00
CA PHE A 44 -4.98 -1.19 6.31
C PHE A 44 -3.53 -1.24 6.81
N PHE A 45 -2.88 -0.06 6.92
CA PHE A 45 -1.48 -0.04 7.27
C PHE A 45 -1.30 -0.55 8.70
N LYS A 46 -2.28 -0.32 9.58
CA LYS A 46 -2.20 -0.79 10.94
C LYS A 46 -2.36 -2.31 10.99
N ALA A 47 -3.47 -2.81 10.44
CA ALA A 47 -3.76 -4.23 10.48
C ALA A 47 -2.64 -5.08 9.86
N SER A 48 -2.11 -4.63 8.72
CA SER A 48 -1.16 -5.36 7.89
C SER A 48 0.20 -5.49 8.59
N GLY A 49 0.47 -4.56 9.53
CA GLY A 49 1.78 -4.43 10.17
C GLY A 49 2.68 -3.38 9.51
N LEU A 50 2.27 -2.80 8.38
CA LEU A 50 3.11 -1.86 7.65
C LEU A 50 3.51 -0.67 8.54
N SER A 51 2.60 -0.22 9.41
N SER A 51 2.58 -0.22 9.38
CA SER A 51 2.87 0.96 10.23
CA SER A 51 2.82 0.93 10.26
C SER A 51 3.83 0.66 11.38
C SER A 51 3.98 0.68 11.23
N LYS A 52 4.28 -0.60 11.50
CA LYS A 52 5.27 -0.98 12.49
C LYS A 52 6.64 -1.24 11.85
N LYS A 53 6.75 -1.19 10.52
CA LYS A 53 7.97 -1.58 9.85
C LYS A 53 8.98 -0.42 9.88
N SER A 54 10.27 -0.77 9.81
CA SER A 54 11.34 0.21 9.75
C SER A 54 11.32 0.95 8.42
N ASP A 55 12.03 2.09 8.42
CA ASP A 55 12.37 2.83 7.21
C ASP A 55 12.81 1.89 6.10
N ALA A 56 13.80 1.03 6.39
CA ALA A 56 14.44 0.22 5.38
C ALA A 56 13.47 -0.84 4.86
N GLU A 57 12.64 -1.39 5.77
CA GLU A 57 11.65 -2.39 5.41
C GLU A 57 10.59 -1.76 4.51
N LEU A 58 10.20 -0.52 4.83
CA LEU A 58 9.22 0.19 4.03
C LEU A 58 9.73 0.47 2.61
N ALA A 59 11.02 0.78 2.44
CA ALA A 59 11.59 0.94 1.10
C ALA A 59 11.56 -0.38 0.33
N GLU A 60 11.81 -1.51 1.00
CA GLU A 60 11.76 -2.83 0.38
C GLU A 60 10.34 -3.15 -0.10
N ILE A 61 9.36 -2.87 0.76
CA ILE A 61 7.95 -3.05 0.42
CA ILE A 61 7.97 -3.09 0.38
C ILE A 61 7.60 -2.20 -0.80
N PHE A 62 8.02 -0.92 -0.78
CA PHE A 62 7.76 -0.01 -1.86
C PHE A 62 8.25 -0.59 -3.19
N ASN A 63 9.46 -1.16 -3.19
CA ASN A 63 10.05 -1.69 -4.41
CA ASN A 63 10.09 -1.72 -4.37
C ASN A 63 9.26 -2.86 -4.95
N VAL A 64 8.60 -3.65 -4.10
CA VAL A 64 7.82 -4.75 -4.67
C VAL A 64 6.43 -4.28 -5.10
N LEU A 65 5.87 -3.22 -4.48
CA LEU A 65 4.64 -2.60 -4.94
C LEU A 65 4.83 -1.93 -6.30
N ASP A 66 6.03 -1.37 -6.53
CA ASP A 66 6.38 -0.75 -7.80
C ASP A 66 6.68 -1.83 -8.84
N GLY A 67 5.61 -2.40 -9.41
CA GLY A 67 5.67 -3.55 -10.31
C GLY A 67 6.52 -3.35 -11.56
N ASP A 68 6.59 -2.11 -12.08
CA ASP A 68 7.31 -1.82 -13.32
C ASP A 68 8.63 -1.11 -13.03
N GLN A 69 9.00 -1.01 -11.76
CA GLN A 69 10.23 -0.35 -11.32
C GLN A 69 10.38 1.04 -11.96
N SER A 70 9.33 1.84 -11.87
CA SER A 70 9.32 3.20 -12.40
C SER A 70 9.92 4.19 -11.41
N GLY A 71 9.98 3.79 -10.14
CA GLY A 71 10.36 4.71 -9.08
C GLY A 71 9.15 5.29 -8.36
N TYR A 72 7.95 4.98 -8.86
CA TYR A 72 6.71 5.49 -8.29
C TYR A 72 5.65 4.40 -8.29
N ILE A 73 4.69 4.55 -7.36
CA ILE A 73 3.43 3.85 -7.45
C ILE A 73 2.46 4.78 -8.16
N GLU A 74 2.16 4.46 -9.43
CA GLU A 74 1.24 5.23 -10.25
C GLU A 74 -0.19 4.85 -9.86
N VAL A 75 -1.18 5.65 -10.29
N VAL A 75 -1.17 5.66 -10.28
CA VAL A 75 -2.55 5.45 -9.88
CA VAL A 75 -2.56 5.46 -9.90
C VAL A 75 -3.03 4.07 -10.33
C VAL A 75 -3.02 4.07 -10.34
N GLU A 76 -2.57 3.62 -11.51
CA GLU A 76 -3.02 2.33 -12.03
C GLU A 76 -2.50 1.20 -11.13
N GLU A 77 -1.30 1.38 -10.56
CA GLU A 77 -0.76 0.41 -9.61
C GLU A 77 -1.53 0.48 -8.29
N LEU A 78 -1.84 1.71 -7.87
CA LEU A 78 -2.51 1.94 -6.61
C LEU A 78 -3.88 1.29 -6.59
N LYS A 79 -4.60 1.27 -7.72
CA LYS A 79 -5.89 0.58 -7.81
CA LYS A 79 -5.90 0.60 -7.76
C LYS A 79 -5.76 -0.91 -7.49
N ASN A 80 -4.57 -1.46 -7.77
CA ASN A 80 -4.30 -2.86 -7.59
C ASN A 80 -3.52 -3.14 -6.30
N PHE A 81 -3.50 -2.19 -5.35
CA PHE A 81 -2.72 -2.30 -4.14
C PHE A 81 -3.00 -3.58 -3.34
N LEU A 82 -4.27 -3.95 -3.16
CA LEU A 82 -4.63 -5.13 -2.40
C LEU A 82 -4.07 -6.39 -3.04
N LYS A 83 -4.02 -6.43 -4.37
CA LYS A 83 -3.54 -7.59 -5.13
C LYS A 83 -2.05 -7.83 -4.92
N CYS A 84 -1.30 -6.81 -4.47
CA CYS A 84 0.10 -6.97 -4.13
C CYS A 84 0.27 -7.87 -2.91
N PHE A 85 -0.79 -7.98 -2.08
CA PHE A 85 -0.72 -8.75 -0.86
C PHE A 85 -1.36 -10.10 -1.04
N SER A 86 -2.35 -10.18 -1.94
CA SER A 86 -3.00 -11.43 -2.30
C SER A 86 -3.57 -11.31 -3.71
N ASP A 87 -3.13 -12.16 -4.66
CA ASP A 87 -3.45 -11.93 -6.07
C ASP A 87 -4.96 -11.96 -6.33
N GLY A 88 -5.73 -12.67 -5.49
CA GLY A 88 -7.17 -12.79 -5.69
C GLY A 88 -7.97 -11.62 -5.11
N ALA A 89 -7.30 -10.70 -4.40
CA ALA A 89 -7.98 -9.58 -3.76
C ALA A 89 -8.62 -8.70 -4.82
N ARG A 90 -9.59 -7.90 -4.38
CA ARG A 90 -10.34 -7.02 -5.27
C ARG A 90 -9.51 -5.80 -5.66
N VAL A 91 -9.94 -5.12 -6.73
CA VAL A 91 -9.39 -3.82 -7.05
CA VAL A 91 -9.40 -3.81 -7.07
C VAL A 91 -10.03 -2.78 -6.13
N LEU A 92 -9.32 -1.68 -5.89
CA LEU A 92 -9.92 -0.54 -5.22
C LEU A 92 -10.82 0.20 -6.20
N ASN A 93 -11.94 0.76 -5.72
CA ASN A 93 -12.79 1.56 -6.57
C ASN A 93 -12.15 2.94 -6.73
N ASP A 94 -12.76 3.81 -7.56
CA ASP A 94 -12.16 5.09 -7.89
C ASP A 94 -12.09 6.03 -6.68
N LYS A 95 -13.12 6.02 -5.83
CA LYS A 95 -13.12 6.82 -4.61
CA LYS A 95 -13.11 6.84 -4.62
C LYS A 95 -11.96 6.40 -3.73
N GLU A 96 -11.81 5.09 -3.52
CA GLU A 96 -10.77 4.54 -2.65
C GLU A 96 -9.40 4.94 -3.18
N THR A 97 -9.21 4.74 -4.49
CA THR A 97 -7.94 5.01 -5.13
C THR A 97 -7.57 6.49 -4.97
N SER A 98 -8.53 7.41 -5.21
CA SER A 98 -8.27 8.84 -5.17
C SER A 98 -7.96 9.33 -3.75
N ASN A 99 -8.65 8.80 -2.74
CA ASN A 99 -8.41 9.17 -1.34
C ASN A 99 -7.02 8.70 -0.90
N PHE A 100 -6.64 7.51 -1.38
CA PHE A 100 -5.36 6.90 -1.02
C PHE A 100 -4.25 7.74 -1.62
N LEU A 101 -4.41 8.11 -2.91
CA LEU A 101 -3.42 8.94 -3.56
C LEU A 101 -3.29 10.28 -2.83
N ALA A 102 -4.42 10.88 -2.47
CA ALA A 102 -4.48 12.16 -1.79
C ALA A 102 -3.73 12.14 -0.46
N ALA A 103 -3.84 11.01 0.25
CA ALA A 103 -3.20 10.85 1.53
C ALA A 103 -1.68 10.83 1.36
N GLY A 104 -1.21 10.19 0.28
CA GLY A 104 0.20 9.90 0.09
C GLY A 104 0.94 10.96 -0.71
N ASP A 105 0.26 11.61 -1.67
CA ASP A 105 0.95 12.42 -2.68
C ASP A 105 1.12 13.84 -2.17
N SER A 106 2.21 14.07 -1.44
CA SER A 106 2.48 15.39 -0.87
C SER A 106 3.21 16.31 -1.86
N ASP A 107 3.89 15.76 -2.87
CA ASP A 107 4.69 16.62 -3.74
C ASP A 107 3.93 16.99 -5.03
N GLY A 108 2.70 16.50 -5.18
CA GLY A 108 1.75 17.04 -6.15
C GLY A 108 1.87 16.45 -7.56
N ASP A 109 2.55 15.30 -7.73
CA ASP A 109 2.78 14.77 -9.07
C ASP A 109 1.84 13.61 -9.39
N HIS A 110 0.85 13.34 -8.52
CA HIS A 110 -0.18 12.35 -8.76
C HIS A 110 0.37 10.93 -8.80
N LYS A 111 1.47 10.68 -8.07
CA LYS A 111 2.02 9.35 -7.92
C LYS A 111 2.72 9.27 -6.57
N ILE A 112 3.04 8.06 -6.09
CA ILE A 112 3.60 7.93 -4.75
C ILE A 112 5.06 7.51 -4.86
N GLY A 113 5.95 8.34 -4.29
CA GLY A 113 7.39 8.06 -4.28
C GLY A 113 7.81 7.36 -3.00
N VAL A 114 9.08 6.96 -2.92
CA VAL A 114 9.53 6.15 -1.81
C VAL A 114 9.41 6.94 -0.51
N ASP A 115 9.81 8.23 -0.51
CA ASP A 115 9.77 9.05 0.69
C ASP A 115 8.32 9.22 1.16
N GLU A 116 7.40 9.45 0.21
CA GLU A 116 5.99 9.65 0.51
C GLU A 116 5.38 8.38 1.09
N PHE A 117 5.80 7.21 0.58
CA PHE A 117 5.30 5.94 1.07
C PHE A 117 5.71 5.75 2.53
N LYS A 118 6.99 6.01 2.86
CA LYS A 118 7.45 5.88 4.24
C LYS A 118 6.66 6.81 5.15
N SER A 119 6.48 8.06 4.71
CA SER A 119 5.83 9.09 5.51
C SER A 119 4.37 8.71 5.75
N MET A 120 3.69 8.21 4.71
CA MET A 120 2.31 7.77 4.83
C MET A 120 2.20 6.61 5.84
N ALA A 121 3.16 5.68 5.82
CA ALA A 121 3.05 4.51 6.69
C ALA A 121 3.21 4.88 8.16
N LYS A 122 4.11 5.81 8.49
CA LYS A 122 4.48 6.01 9.88
C LYS A 122 3.84 7.25 10.52
N MET A 123 3.33 8.20 9.72
CA MET A 123 2.99 9.51 10.26
C MET A 123 1.56 9.93 9.95
N THR A 124 0.72 8.97 9.55
CA THR A 124 -0.69 9.24 9.30
C THR A 124 -1.52 8.30 10.15
CA CA B . 5.49 2.00 -10.88
CA CA C . 4.21 12.25 -5.36
S SO4 D . -7.42 -4.84 16.10
O1 SO4 D . -8.01 -3.91 15.18
O2 SO4 D . -6.42 -4.16 16.88
O3 SO4 D . -8.43 -5.38 16.96
O4 SO4 D . -6.80 -5.92 15.37
S SO4 E . 9.67 11.55 -13.70
O1 SO4 E . 10.11 12.92 -13.84
O2 SO4 E . 10.56 10.86 -12.80
O3 SO4 E . 8.33 11.54 -13.17
O4 SO4 E . 9.70 10.91 -14.99
#